data_6H52
#
_entry.id   6H52
#
_cell.length_a   142.120
_cell.length_b   142.120
_cell.length_c   152.400
_cell.angle_alpha   90.00
_cell.angle_beta   90.00
_cell.angle_gamma   120.00
#
_symmetry.space_group_name_H-M   'P 65 2 2'
#
loop_
_entity.id
_entity.type
_entity.pdbx_description
1 polymer 'Lysine-specific demethylase 5B,Lysine-specific demethylase 5B'
2 non-polymer 'ZINC ION'
3 non-polymer 'MANGANESE (II) ION'
4 non-polymer 'DIMETHYL SULFOXIDE'
5 non-polymer 'PHOSPHATE ION'
6 non-polymer 8-[4-(1-cyclopentylpiperidin-4-yl)pyrazol-1-yl]-3~{H}-pyrido[3,4-d]pyrimidin-4-one
7 non-polymer 1,2-ETHANEDIOL
8 water water
#
_entity_poly.entity_id   1
_entity_poly.type   'polypeptide(L)'
_entity_poly.pdbx_seq_one_letter_code
;SMFLPPPECPVFEPSWEEFADPFAFIHKIRPIAEQTGICKVRPPPDWQPPFACDVDKLHFTPRIQRLNELEAQTRVKLGG
GGARDYTLRTFGEMADAFKSDYFNMPVHMVPTELVEKEFWRLVSTIEEDVTVEYGADIASKEFGSGFPVRDGKIKLSPEE
EEYLDSGWNLNNMPVMEQSVLAHITADICGMKLPWLYVGMCFSSFCWHIEDHWSYSINYLHWGEPKTWYGVPGYAAEQLE
NVMKKLAPELFVSQPDLLHQLVTIMNPNTLMTHEVPVYRTNQCAGEFVITFPRAYHSGFNQGFNFAEAVNFCTVDWLPLG
RQCVEHYRLLHRYCVFSHDEMICKMASKADVLDVVVASTVQKDMAIMIEDEKALRETVRKLGVIDSERMDFELLPDDERQ
CVKCKTTCFMSAISCSCKPGLLVCLHHVKELCSCPPYKYKLRYRYTLDDLYPMMNALKLRAESYNEWALNVNEALEAKIN
K
;
_entity_poly.pdbx_strand_id   A
#
# COMPACT_ATOMS: atom_id res chain seq x y z
CA SER A 1 -21.11 -23.30 11.89
C SER A 1 -21.98 -22.24 11.21
N MET A 2 -21.86 -20.96 11.65
CA MET A 2 -22.65 -19.86 11.09
C MET A 2 -21.83 -18.62 10.72
N PHE A 3 -22.09 -18.08 9.54
CA PHE A 3 -21.45 -16.88 9.02
C PHE A 3 -22.52 -15.90 8.60
N LEU A 4 -22.48 -14.70 9.16
CA LEU A 4 -23.43 -13.64 8.84
C LEU A 4 -22.70 -12.67 7.91
N PRO A 5 -22.93 -12.74 6.58
CA PRO A 5 -22.16 -11.86 5.69
C PRO A 5 -22.29 -10.37 6.05
N PRO A 6 -21.14 -9.66 6.15
CA PRO A 6 -21.18 -8.22 6.44
C PRO A 6 -21.99 -7.46 5.35
N PRO A 7 -22.54 -6.24 5.60
CA PRO A 7 -23.25 -5.52 4.53
C PRO A 7 -22.34 -5.21 3.32
N GLU A 8 -22.95 -5.04 2.15
CA GLU A 8 -22.24 -4.75 0.91
C GLU A 8 -21.59 -3.36 0.91
N CYS A 9 -20.37 -3.26 0.37
CA CYS A 9 -19.67 -1.97 0.24
C CYS A 9 -20.31 -1.18 -0.95
N PRO A 10 -20.06 0.15 -1.09
CA PRO A 10 -20.65 0.89 -2.22
C PRO A 10 -20.12 0.41 -3.58
N VAL A 11 -20.99 0.44 -4.61
CA VAL A 11 -20.64 0.03 -5.98
C VAL A 11 -20.93 1.24 -6.84
N PHE A 12 -19.93 1.68 -7.58
CA PHE A 12 -20.04 2.83 -8.46
C PHE A 12 -20.00 2.40 -9.89
N GLU A 13 -20.82 3.08 -10.71
CA GLU A 13 -20.94 2.82 -12.13
C GLU A 13 -20.77 4.14 -12.89
N PRO A 14 -19.52 4.67 -12.97
CA PRO A 14 -19.33 5.96 -13.65
C PRO A 14 -19.63 5.93 -15.15
N SER A 15 -20.05 7.09 -15.67
CA SER A 15 -20.29 7.31 -17.08
C SER A 15 -18.91 7.55 -17.70
N TRP A 16 -18.80 7.59 -19.05
CA TRP A 16 -17.53 7.85 -19.71
C TRP A 16 -16.88 9.15 -19.24
N GLU A 17 -17.66 10.23 -19.08
CA GLU A 17 -17.17 11.54 -18.62
C GLU A 17 -16.63 11.47 -17.18
N GLU A 18 -17.35 10.77 -16.29
CA GLU A 18 -16.97 10.59 -14.88
C GLU A 18 -15.70 9.73 -14.81
N PHE A 19 -15.65 8.66 -15.64
CA PHE A 19 -14.56 7.68 -15.70
C PHE A 19 -13.26 8.25 -16.25
N ALA A 20 -13.34 9.12 -17.27
CA ALA A 20 -12.24 9.78 -17.96
C ALA A 20 -11.04 10.15 -17.07
N ASP A 21 -11.30 10.72 -15.88
CA ASP A 21 -10.24 11.10 -14.94
C ASP A 21 -10.36 10.27 -13.65
N PRO A 22 -9.47 9.25 -13.44
CA PRO A 22 -9.54 8.43 -12.23
C PRO A 22 -9.41 9.22 -10.93
N PHE A 23 -8.50 10.22 -10.88
CA PHE A 23 -8.27 11.06 -9.71
C PHE A 23 -9.45 11.98 -9.38
N ALA A 24 -10.08 12.61 -10.40
CA ALA A 24 -11.28 13.43 -10.18
C ALA A 24 -12.46 12.53 -9.71
N PHE A 25 -12.55 11.30 -10.24
CA PHE A 25 -13.58 10.35 -9.83
C PHE A 25 -13.38 9.85 -8.38
N ILE A 26 -12.15 9.49 -8.01
CA ILE A 26 -11.79 9.03 -6.66
C ILE A 26 -12.09 10.11 -5.61
N HIS A 27 -11.84 11.40 -5.96
CA HIS A 27 -12.14 12.56 -5.11
C HIS A 27 -13.66 12.74 -4.94
N LYS A 28 -14.45 12.53 -6.01
CA LYS A 28 -15.92 12.64 -5.99
C LYS A 28 -16.58 11.59 -5.06
N ILE A 29 -16.14 10.32 -5.16
CA ILE A 29 -16.68 9.19 -4.38
C ILE A 29 -16.14 9.12 -2.94
N ARG A 30 -15.02 9.81 -2.68
CA ARG A 30 -14.34 9.83 -1.39
C ARG A 30 -15.28 10.05 -0.17
N PRO A 31 -16.23 11.05 -0.12
CA PRO A 31 -17.09 11.17 1.08
C PRO A 31 -17.88 9.92 1.44
N ILE A 32 -18.32 9.14 0.43
CA ILE A 32 -19.07 7.88 0.61
C ILE A 32 -18.10 6.72 0.91
N ALA A 33 -17.13 6.49 0.00
CA ALA A 33 -16.18 5.38 0.06
C ALA A 33 -15.24 5.37 1.28
N GLU A 34 -14.88 6.54 1.83
CA GLU A 34 -14.01 6.57 3.01
C GLU A 34 -14.74 6.09 4.29
N GLN A 35 -16.09 6.04 4.24
CA GLN A 35 -16.93 5.57 5.35
C GLN A 35 -17.02 4.03 5.38
N THR A 36 -16.58 3.36 4.31
CA THR A 36 -16.62 1.91 4.18
C THR A 36 -15.24 1.28 4.01
N GLY A 37 -14.24 2.10 3.73
CA GLY A 37 -12.85 1.68 3.53
C GLY A 37 -12.57 1.17 2.12
N ILE A 38 -13.45 0.33 1.60
CA ILE A 38 -13.35 -0.23 0.25
C ILE A 38 -14.58 0.16 -0.55
N CYS A 39 -14.44 0.17 -1.88
CA CYS A 39 -15.55 0.35 -2.78
C CYS A 39 -15.24 -0.37 -4.09
N LYS A 40 -16.27 -0.65 -4.88
CA LYS A 40 -16.14 -1.32 -6.15
C LYS A 40 -16.49 -0.32 -7.27
N VAL A 41 -15.74 -0.37 -8.37
CA VAL A 41 -15.94 0.47 -9.53
C VAL A 41 -16.17 -0.40 -10.76
N ARG A 42 -17.37 -0.30 -11.33
N ARG A 42 -17.37 -0.30 -11.33
CA ARG A 42 -17.73 -1.01 -12.56
CA ARG A 42 -17.74 -1.00 -12.56
C ARG A 42 -17.44 -0.02 -13.71
C ARG A 42 -17.46 -0.02 -13.70
N PRO A 43 -16.42 -0.26 -14.53
CA PRO A 43 -16.12 0.70 -15.63
C PRO A 43 -17.23 0.72 -16.69
N PRO A 44 -17.34 1.80 -17.53
CA PRO A 44 -18.34 1.79 -18.62
C PRO A 44 -18.29 0.49 -19.44
N PRO A 45 -19.46 -0.04 -19.88
CA PRO A 45 -19.49 -1.34 -20.59
C PRO A 45 -18.49 -1.57 -21.72
N ASP A 46 -18.16 -0.50 -22.46
CA ASP A 46 -17.24 -0.52 -23.59
C ASP A 46 -15.74 -0.34 -23.20
N TRP A 47 -15.39 -0.04 -21.91
CA TRP A 47 -13.98 0.03 -21.49
C TRP A 47 -13.57 -1.41 -21.28
N GLN A 48 -12.91 -2.00 -22.27
CA GLN A 48 -12.52 -3.41 -22.18
C GLN A 48 -11.08 -3.56 -22.59
N PRO A 49 -10.10 -3.41 -21.65
CA PRO A 49 -8.68 -3.53 -22.04
C PRO A 49 -8.40 -4.94 -22.58
N PRO A 50 -7.55 -5.10 -23.61
CA PRO A 50 -7.32 -6.44 -24.14
C PRO A 50 -6.42 -7.29 -23.27
N PHE A 51 -6.90 -8.48 -22.89
CA PHE A 51 -6.08 -9.41 -22.14
C PHE A 51 -5.62 -10.55 -23.04
N ALA A 52 -4.30 -10.62 -23.26
CA ALA A 52 -3.70 -11.66 -24.09
C ALA A 52 -2.38 -12.11 -23.47
N CYS A 53 -2.23 -13.46 -23.33
CA CYS A 53 -1.03 -14.10 -22.78
C CYS A 53 -0.92 -15.57 -23.17
N ASP A 54 0.33 -16.07 -23.27
CA ASP A 54 0.62 -17.48 -23.53
C ASP A 54 0.78 -18.11 -22.15
N VAL A 55 -0.13 -19.03 -21.82
CA VAL A 55 -0.18 -19.70 -20.52
C VAL A 55 1.02 -20.63 -20.24
N ASP A 56 1.73 -21.02 -21.31
CA ASP A 56 2.89 -21.92 -21.24
C ASP A 56 4.23 -21.20 -21.02
N LYS A 57 4.30 -19.92 -21.40
CA LYS A 57 5.50 -19.09 -21.29
C LYS A 57 5.53 -18.25 -20.01
N LEU A 58 4.36 -18.04 -19.37
CA LEU A 58 4.27 -17.31 -18.11
C LEU A 58 4.53 -18.30 -16.97
N HIS A 59 5.66 -18.10 -16.24
N HIS A 59 5.61 -18.08 -16.21
CA HIS A 59 6.15 -18.92 -15.13
CA HIS A 59 5.97 -18.93 -15.09
C HIS A 59 6.19 -18.09 -13.83
C HIS A 59 6.21 -18.11 -13.82
N PHE A 60 6.01 -18.75 -12.67
CA PHE A 60 6.13 -18.13 -11.34
C PHE A 60 6.34 -19.19 -10.28
N THR A 61 6.93 -18.78 -9.17
CA THR A 61 7.20 -19.61 -8.01
C THR A 61 6.01 -19.40 -7.08
N PRO A 62 5.24 -20.46 -6.78
CA PRO A 62 4.07 -20.28 -5.90
C PRO A 62 4.46 -20.13 -4.42
N ARG A 63 3.57 -19.51 -3.64
CA ARG A 63 3.74 -19.35 -2.20
C ARG A 63 2.73 -20.30 -1.54
N ILE A 64 3.16 -21.06 -0.53
CA ILE A 64 2.32 -22.03 0.18
C ILE A 64 1.62 -21.33 1.35
N GLN A 65 0.33 -21.58 1.50
CA GLN A 65 -0.47 -20.95 2.52
C GLN A 65 -1.29 -21.93 3.33
N ARG A 66 -1.13 -21.88 4.66
CA ARG A 66 -1.90 -22.64 5.65
C ARG A 66 -3.11 -21.77 5.97
N LEU A 67 -4.28 -22.36 6.02
CA LEU A 67 -5.52 -21.63 6.23
C LEU A 67 -6.02 -21.73 7.67
N ASN A 68 -5.36 -20.99 8.60
CA ASN A 68 -5.71 -21.04 10.02
C ASN A 68 -5.96 -19.68 10.60
N GLU A 69 -7.18 -19.49 11.14
CA GLU A 69 -7.59 -18.23 11.76
C GLU A 69 -6.67 -17.90 12.93
N LEU A 70 -6.25 -16.62 13.01
CA LEU A 70 -5.40 -16.06 14.08
C LEU A 70 -3.94 -16.58 14.07
N GLU A 71 -3.57 -17.42 13.08
CA GLU A 71 -2.22 -17.92 12.94
C GLU A 71 -1.40 -16.83 12.24
N ALA A 72 -0.20 -16.55 12.78
CA ALA A 72 0.72 -15.55 12.24
C ALA A 72 1.19 -15.95 10.85
N GLN A 73 1.14 -14.98 9.93
CA GLN A 73 1.59 -15.12 8.55
C GLN A 73 2.50 -13.91 8.27
N THR A 74 3.46 -14.08 7.35
CA THR A 74 4.39 -13.02 6.98
C THR A 74 4.00 -12.41 5.63
N ARG A 75 4.16 -11.07 5.49
CA ARG A 75 3.97 -10.35 4.22
C ARG A 75 5.33 -10.51 3.52
N VAL A 76 5.38 -11.23 2.39
CA VAL A 76 6.66 -11.50 1.71
C VAL A 76 6.73 -10.77 0.35
N LYS A 77 7.96 -10.36 -0.07
CA LYS A 77 8.21 -9.65 -1.34
C LYS A 77 8.63 -10.64 -2.45
N ARG A 84 10.05 -24.43 -6.08
CA ARG A 84 8.83 -24.79 -6.80
C ARG A 84 8.59 -23.84 -7.99
N ASP A 85 7.95 -24.34 -9.06
CA ASP A 85 7.64 -23.53 -10.24
C ASP A 85 6.45 -24.06 -11.03
N TYR A 86 5.53 -23.17 -11.37
CA TYR A 86 4.34 -23.48 -12.17
C TYR A 86 4.32 -22.57 -13.38
N THR A 87 3.74 -23.03 -14.50
CA THR A 87 3.43 -22.13 -15.60
C THR A 87 2.00 -21.66 -15.23
N LEU A 88 1.48 -20.63 -15.90
CA LEU A 88 0.09 -20.21 -15.65
C LEU A 88 -0.87 -21.39 -15.94
N ARG A 89 -0.57 -22.22 -16.97
CA ARG A 89 -1.36 -23.41 -17.30
C ARG A 89 -1.37 -24.47 -16.19
N THR A 90 -0.17 -24.90 -15.73
CA THR A 90 -0.06 -25.96 -14.70
C THR A 90 -0.63 -25.48 -13.37
N PHE A 91 -0.54 -24.16 -13.07
CA PHE A 91 -1.15 -23.62 -11.85
C PHE A 91 -2.67 -23.71 -11.97
N GLY A 92 -3.21 -23.35 -13.13
CA GLY A 92 -4.62 -23.41 -13.44
C GLY A 92 -5.21 -24.80 -13.36
N GLU A 93 -4.47 -25.79 -13.91
CA GLU A 93 -4.90 -27.20 -13.87
C GLU A 93 -4.99 -27.67 -12.41
N MET A 94 -3.96 -27.31 -11.60
CA MET A 94 -3.89 -27.62 -10.18
C MET A 94 -5.04 -26.91 -9.44
N ALA A 95 -5.25 -25.60 -9.71
CA ALA A 95 -6.29 -24.78 -9.05
C ALA A 95 -7.72 -25.33 -9.28
N ASP A 96 -8.03 -25.70 -10.55
CA ASP A 96 -9.32 -26.26 -10.97
C ASP A 96 -9.56 -27.63 -10.40
N ALA A 97 -8.56 -28.53 -10.49
CA ALA A 97 -8.64 -29.87 -9.89
C ALA A 97 -8.92 -29.74 -8.38
N PHE A 98 -8.25 -28.80 -7.69
CA PHE A 98 -8.43 -28.62 -6.26
C PHE A 98 -9.87 -28.25 -5.88
N LYS A 99 -10.43 -27.21 -6.52
CA LYS A 99 -11.78 -26.71 -6.24
C LYS A 99 -12.84 -27.76 -6.57
N SER A 100 -12.72 -28.38 -7.77
CA SER A 100 -13.66 -29.38 -8.20
C SER A 100 -13.64 -30.63 -7.29
N ASP A 101 -12.45 -31.02 -6.78
CA ASP A 101 -12.32 -32.17 -5.87
C ASP A 101 -12.78 -31.85 -4.45
N TYR A 102 -12.67 -30.58 -4.04
CA TYR A 102 -13.07 -30.10 -2.72
C TYR A 102 -14.59 -30.17 -2.57
N PHE A 103 -15.31 -29.76 -3.62
CA PHE A 103 -16.75 -29.68 -3.62
C PHE A 103 -17.44 -30.79 -4.35
N ASN A 104 -16.68 -31.63 -5.11
CA ASN A 104 -17.23 -32.68 -5.95
C ASN A 104 -18.27 -32.10 -6.93
N MET A 105 -17.96 -30.93 -7.47
CA MET A 105 -18.84 -30.20 -8.38
C MET A 105 -18.03 -29.61 -9.50
N PRO A 106 -18.63 -29.36 -10.70
CA PRO A 106 -17.91 -28.58 -11.74
C PRO A 106 -17.59 -27.19 -11.16
N VAL A 107 -16.34 -26.74 -11.35
CA VAL A 107 -15.74 -25.49 -10.81
C VAL A 107 -16.65 -24.22 -10.86
N HIS A 108 -17.39 -23.99 -11.97
CA HIS A 108 -18.28 -22.84 -12.19
C HIS A 108 -19.64 -22.95 -11.51
N MET A 109 -19.95 -24.13 -10.96
CA MET A 109 -21.25 -24.33 -10.34
C MET A 109 -21.24 -24.16 -8.83
N VAL A 110 -20.06 -23.96 -8.23
CA VAL A 110 -19.97 -23.74 -6.79
C VAL A 110 -20.49 -22.31 -6.43
N PRO A 111 -21.63 -22.19 -5.72
CA PRO A 111 -22.12 -20.85 -5.33
C PRO A 111 -21.09 -20.05 -4.52
N THR A 112 -20.98 -18.72 -4.77
CA THR A 112 -20.00 -17.88 -4.07
C THR A 112 -20.25 -17.83 -2.55
N GLU A 113 -21.52 -17.84 -2.14
CA GLU A 113 -21.97 -17.82 -0.75
C GLU A 113 -21.54 -19.10 -0.02
N LEU A 114 -21.46 -20.23 -0.77
CA LEU A 114 -20.99 -21.50 -0.26
C LEU A 114 -19.47 -21.44 -0.01
N VAL A 115 -18.68 -20.98 -1.02
CA VAL A 115 -17.22 -20.84 -0.89
C VAL A 115 -16.87 -19.94 0.31
N GLU A 116 -17.60 -18.81 0.50
CA GLU A 116 -17.41 -17.88 1.63
C GLU A 116 -17.70 -18.57 2.99
N LYS A 117 -18.87 -19.25 3.14
CA LYS A 117 -19.25 -19.98 4.36
C LYS A 117 -18.22 -21.04 4.70
N GLU A 118 -17.77 -21.77 3.67
CA GLU A 118 -16.79 -22.83 3.76
C GLU A 118 -15.44 -22.33 4.14
N PHE A 119 -15.05 -21.16 3.58
CA PHE A 119 -13.78 -20.54 3.91
C PHE A 119 -13.72 -20.27 5.42
N TRP A 120 -14.77 -19.63 5.96
CA TRP A 120 -14.81 -19.28 7.38
C TRP A 120 -14.93 -20.50 8.29
N ARG A 121 -15.52 -21.60 7.79
CA ARG A 121 -15.57 -22.84 8.54
C ARG A 121 -14.16 -23.48 8.57
N LEU A 122 -13.49 -23.64 7.41
CA LEU A 122 -12.20 -24.33 7.37
C LEU A 122 -11.07 -23.60 8.15
N VAL A 123 -11.08 -22.25 8.19
CA VAL A 123 -10.04 -21.49 8.90
C VAL A 123 -10.21 -21.57 10.43
N SER A 124 -11.44 -21.85 10.91
CA SER A 124 -11.74 -21.93 12.33
C SER A 124 -11.62 -23.35 12.88
N THR A 125 -11.73 -24.38 12.02
CA THR A 125 -11.64 -25.79 12.42
C THR A 125 -10.17 -26.23 12.54
N ILE A 126 -9.73 -26.58 13.76
CA ILE A 126 -8.35 -27.05 14.05
C ILE A 126 -8.06 -28.39 13.34
N GLU A 127 -9.10 -29.24 13.21
CA GLU A 127 -9.08 -30.55 12.56
C GLU A 127 -8.79 -30.45 11.05
N GLU A 128 -9.14 -29.32 10.41
CA GLU A 128 -8.90 -29.08 8.99
C GLU A 128 -7.45 -28.62 8.77
N ASP A 129 -6.71 -29.33 7.91
CA ASP A 129 -5.31 -29.04 7.58
C ASP A 129 -5.21 -28.70 6.06
N VAL A 130 -5.98 -27.69 5.64
CA VAL A 130 -6.09 -27.27 4.23
C VAL A 130 -4.96 -26.31 3.83
N THR A 131 -4.16 -26.70 2.84
N THR A 131 -4.17 -26.70 2.84
CA THR A 131 -3.07 -25.88 2.31
CA THR A 131 -3.07 -25.91 2.29
C THR A 131 -3.33 -25.51 0.84
C THR A 131 -3.35 -25.52 0.84
N VAL A 132 -3.17 -24.23 0.51
CA VAL A 132 -3.37 -23.70 -0.86
C VAL A 132 -2.08 -22.99 -1.33
N GLU A 133 -2.06 -22.56 -2.60
CA GLU A 133 -0.94 -21.86 -3.22
C GLU A 133 -1.44 -20.63 -3.96
N TYR A 134 -0.60 -19.55 -3.98
N TYR A 134 -0.55 -19.70 -4.22
CA TYR A 134 -0.90 -18.21 -4.54
CA TYR A 134 -0.90 -18.52 -4.99
C TYR A 134 0.36 -17.61 -5.23
C TYR A 134 0.35 -17.96 -5.60
N GLY A 135 0.17 -16.91 -6.36
CA GLY A 135 1.25 -16.20 -7.03
C GLY A 135 1.17 -14.77 -6.57
N ALA A 136 2.28 -14.18 -6.11
CA ALA A 136 2.31 -12.76 -5.72
C ALA A 136 3.68 -12.19 -6.05
N ASP A 137 3.74 -11.23 -7.01
CA ASP A 137 4.98 -10.57 -7.41
C ASP A 137 4.82 -9.34 -8.29
N ILE A 138 5.87 -8.50 -8.35
CA ILE A 138 5.93 -7.32 -9.21
C ILE A 138 6.12 -7.78 -10.67
N ALA A 139 5.67 -6.99 -11.66
CA ALA A 139 5.85 -7.33 -13.08
C ALA A 139 7.36 -7.47 -13.45
N SER A 140 7.69 -8.51 -14.25
CA SER A 140 9.03 -8.85 -14.73
C SER A 140 8.94 -9.50 -16.13
N LYS A 141 10.10 -9.81 -16.76
CA LYS A 141 10.16 -10.44 -18.09
C LYS A 141 9.58 -11.87 -18.09
N GLU A 142 9.64 -12.56 -16.92
CA GLU A 142 9.12 -13.92 -16.72
C GLU A 142 7.58 -13.92 -16.69
N PHE A 143 6.99 -12.85 -16.09
CA PHE A 143 5.55 -12.63 -15.90
C PHE A 143 5.28 -11.11 -15.80
N GLY A 144 4.76 -10.51 -16.87
CA GLY A 144 4.53 -9.07 -16.95
C GLY A 144 3.11 -8.60 -16.68
N SER A 145 2.91 -7.27 -16.81
CA SER A 145 1.63 -6.60 -16.60
C SER A 145 0.51 -7.16 -17.48
N GLY A 146 -0.70 -7.25 -16.91
CA GLY A 146 -1.90 -7.66 -17.62
C GLY A 146 -2.43 -6.55 -18.52
N PHE A 147 -1.96 -5.32 -18.28
CA PHE A 147 -2.32 -4.15 -19.08
C PHE A 147 -1.30 -3.90 -20.18
N PRO A 148 -1.71 -3.29 -21.35
CA PRO A 148 -0.71 -2.99 -22.39
C PRO A 148 0.36 -2.01 -21.93
N VAL A 149 1.62 -2.27 -22.34
CA VAL A 149 2.81 -1.48 -22.04
C VAL A 149 3.60 -1.22 -23.35
N ARG A 150 4.30 -0.10 -23.40
CA ARG A 150 5.11 0.23 -24.57
C ARG A 150 6.39 -0.60 -24.57
N ASP A 151 6.60 -1.40 -25.65
CA ASP A 151 7.78 -2.26 -25.81
C ASP A 151 8.41 -2.04 -27.20
N GLY A 152 9.73 -1.85 -27.21
CA GLY A 152 10.51 -1.62 -28.42
C GLY A 152 10.60 -2.82 -29.33
N LYS A 153 11.02 -3.97 -28.78
N ILE A 154 8.41 -4.97 -30.52
CA ILE A 154 7.06 -5.48 -30.27
C ILE A 154 6.00 -4.47 -30.73
N LYS A 155 5.46 -4.67 -31.95
CA LYS A 155 4.40 -3.85 -32.53
C LYS A 155 3.06 -4.16 -31.83
N LEU A 156 2.43 -3.12 -31.25
CA LEU A 156 1.15 -3.24 -30.54
C LEU A 156 -0.05 -3.02 -31.48
N SER A 157 -1.15 -3.74 -31.22
CA SER A 157 -2.40 -3.64 -32.00
C SER A 157 -3.17 -2.36 -31.61
N PRO A 158 -4.04 -1.77 -32.50
CA PRO A 158 -4.80 -0.56 -32.10
C PRO A 158 -5.62 -0.71 -30.80
N GLU A 159 -6.10 -1.95 -30.49
CA GLU A 159 -6.84 -2.26 -29.26
C GLU A 159 -5.96 -2.05 -28.02
N GLU A 160 -4.66 -2.37 -28.15
CA GLU A 160 -3.68 -2.19 -27.07
C GLU A 160 -3.29 -0.71 -26.97
N GLU A 161 -3.21 0.01 -28.13
CA GLU A 161 -2.82 1.43 -28.22
C GLU A 161 -3.76 2.37 -27.47
N GLU A 162 -5.07 2.20 -27.60
CA GLU A 162 -6.10 3.00 -26.91
C GLU A 162 -6.07 2.85 -25.37
N TYR A 163 -5.61 1.71 -24.85
CA TYR A 163 -5.53 1.45 -23.41
C TYR A 163 -4.12 1.71 -22.85
N LEU A 164 -3.18 2.12 -23.72
CA LEU A 164 -1.80 2.37 -23.32
C LEU A 164 -1.68 3.59 -22.42
N ASP A 165 -2.47 4.62 -22.71
CA ASP A 165 -2.40 5.91 -22.01
C ASP A 165 -3.51 6.11 -21.00
N SER A 166 -4.43 5.13 -20.88
CA SER A 166 -5.54 5.15 -19.93
C SER A 166 -5.06 5.43 -18.51
N GLY A 167 -5.78 6.31 -17.81
CA GLY A 167 -5.52 6.60 -16.40
C GLY A 167 -5.79 5.39 -15.53
N TRP A 168 -6.69 4.46 -16.02
CA TRP A 168 -7.08 3.21 -15.35
C TRP A 168 -6.19 2.02 -15.70
N ASN A 169 -5.19 2.22 -16.59
CA ASN A 169 -4.18 1.21 -16.90
C ASN A 169 -3.24 1.42 -15.69
N LEU A 170 -3.14 0.42 -14.81
CA LEU A 170 -2.43 0.53 -13.53
C LEU A 170 -0.91 0.80 -13.64
N ASN A 171 -0.33 0.69 -14.85
CA ASN A 171 1.07 1.08 -15.09
C ASN A 171 1.22 2.63 -15.14
N ASN A 172 0.15 3.34 -15.56
CA ASN A 172 0.14 4.82 -15.68
C ASN A 172 -0.25 5.56 -14.40
N MET A 173 -1.26 5.03 -13.64
CA MET A 173 -1.79 5.59 -12.38
C MET A 173 -0.69 6.24 -11.50
N PRO A 174 0.44 5.54 -11.16
CA PRO A 174 1.50 6.20 -10.38
C PRO A 174 2.14 7.45 -11.00
N VAL A 175 2.49 7.39 -12.31
CA VAL A 175 3.22 8.47 -12.99
C VAL A 175 2.32 9.62 -13.49
N MET A 176 1.04 9.68 -13.07
CA MET A 176 0.15 10.78 -13.46
C MET A 176 0.42 12.04 -12.58
N GLU A 177 0.08 13.25 -13.08
CA GLU A 177 0.39 14.50 -12.35
C GLU A 177 -0.50 14.77 -11.09
N GLN A 178 -1.65 14.07 -10.94
CA GLN A 178 -2.52 14.22 -9.76
C GLN A 178 -2.08 13.30 -8.59
N SER A 179 -1.09 12.44 -8.89
CA SER A 179 -0.45 11.52 -7.95
C SER A 179 0.79 12.21 -7.32
N VAL A 180 1.22 11.78 -6.11
CA VAL A 180 2.36 12.41 -5.45
C VAL A 180 3.58 11.45 -5.34
N LEU A 181 3.34 10.12 -5.36
CA LEU A 181 4.39 9.08 -5.33
C LEU A 181 5.20 9.09 -6.63
N ALA A 182 4.64 9.74 -7.69
CA ALA A 182 5.19 9.92 -9.03
C ALA A 182 6.59 10.49 -8.96
N HIS A 183 6.69 11.59 -8.22
CA HIS A 183 7.84 12.44 -8.04
C HIS A 183 8.98 11.81 -7.26
N ILE A 184 8.72 10.74 -6.44
CA ILE A 184 9.76 10.06 -5.68
C ILE A 184 10.84 9.49 -6.62
N THR A 185 12.09 9.96 -6.42
CA THR A 185 13.28 9.57 -7.18
C THR A 185 13.91 8.30 -6.61
N ALA A 186 13.77 8.08 -5.29
CA ALA A 186 14.28 6.93 -4.56
C ALA A 186 13.72 5.59 -5.07
N ASP A 187 14.51 4.52 -4.89
CA ASP A 187 14.16 3.15 -5.29
C ASP A 187 13.09 2.59 -4.35
N ILE A 188 11.81 2.63 -4.79
CA ILE A 188 10.66 2.14 -4.01
C ILE A 188 9.77 1.18 -4.86
N CYS A 189 10.41 0.19 -5.53
CA CYS A 189 9.81 -0.84 -6.40
C CYS A 189 8.45 -1.38 -5.93
N GLY A 190 8.32 -1.66 -4.63
CA GLY A 190 7.09 -2.19 -4.03
C GLY A 190 5.88 -1.27 -4.02
N MET A 191 6.11 0.07 -4.05
CA MET A 191 5.06 1.09 -3.95
C MET A 191 4.71 1.88 -5.22
N LYS A 192 5.50 1.73 -6.28
CA LYS A 192 5.24 2.44 -7.53
C LYS A 192 4.89 1.44 -8.65
N LEU A 193 5.36 0.19 -8.50
CA LEU A 193 5.17 -0.82 -9.52
C LEU A 193 3.99 -1.72 -9.25
N PRO A 194 3.21 -2.07 -10.29
CA PRO A 194 2.07 -2.97 -10.06
C PRO A 194 2.49 -4.37 -9.62
N TRP A 195 1.65 -4.97 -8.77
CA TRP A 195 1.81 -6.34 -8.30
C TRP A 195 0.79 -7.20 -9.04
N LEU A 196 1.19 -8.41 -9.37
CA LEU A 196 0.37 -9.39 -10.09
C LEU A 196 0.05 -10.51 -9.13
N TYR A 197 -1.22 -10.91 -9.07
CA TYR A 197 -1.70 -11.95 -8.16
C TYR A 197 -2.41 -13.04 -8.90
N VAL A 198 -1.85 -14.26 -8.86
CA VAL A 198 -2.49 -15.43 -9.46
C VAL A 198 -3.15 -16.21 -8.32
N GLY A 199 -4.48 -16.19 -8.29
CA GLY A 199 -5.23 -16.84 -7.22
C GLY A 199 -5.79 -18.20 -7.53
N MET A 200 -6.21 -18.90 -6.46
CA MET A 200 -6.92 -20.19 -6.52
C MET A 200 -7.97 -20.18 -5.40
N CYS A 201 -8.88 -21.17 -5.39
CA CYS A 201 -9.91 -21.28 -4.35
C CYS A 201 -9.29 -21.28 -2.96
N PHE A 202 -9.76 -20.33 -2.12
CA PHE A 202 -9.40 -20.11 -0.71
C PHE A 202 -8.05 -19.42 -0.46
N SER A 203 -7.22 -19.16 -1.51
CA SER A 203 -5.93 -18.44 -1.32
C SER A 203 -6.30 -17.03 -0.82
N SER A 204 -5.60 -16.53 0.19
CA SER A 204 -6.12 -15.32 0.79
C SER A 204 -5.13 -14.25 1.16
N PHE A 205 -5.65 -13.07 1.38
CA PHE A 205 -4.85 -11.93 1.83
C PHE A 205 -5.34 -11.62 3.23
N CYS A 206 -4.41 -11.59 4.18
CA CYS A 206 -4.65 -11.32 5.60
C CYS A 206 -5.01 -9.88 5.84
N TRP A 207 -5.60 -9.57 7.00
CA TRP A 207 -5.95 -8.20 7.38
C TRP A 207 -4.70 -7.31 7.39
N HIS A 208 -4.75 -6.19 6.66
CA HIS A 208 -3.63 -5.24 6.61
C HIS A 208 -4.09 -3.89 6.09
N ILE A 209 -3.21 -2.91 6.21
CA ILE A 209 -3.33 -1.57 5.63
C ILE A 209 -2.11 -1.38 4.76
N GLU A 210 -2.18 -0.46 3.83
CA GLU A 210 -1.04 -0.18 2.93
C GLU A 210 0.05 0.59 3.61
N ASP A 211 1.27 0.44 3.08
CA ASP A 211 2.44 1.17 3.52
C ASP A 211 2.19 2.65 3.36
N HIS A 212 2.53 3.43 4.40
CA HIS A 212 2.36 4.89 4.46
C HIS A 212 0.89 5.32 4.38
N TRP A 213 -0.01 4.41 4.79
CA TRP A 213 -1.46 4.56 4.73
C TRP A 213 -1.92 4.99 3.32
N SER A 214 -1.27 4.45 2.26
CA SER A 214 -1.64 4.82 0.89
C SER A 214 -2.94 4.17 0.45
N TYR A 215 -3.45 4.65 -0.69
CA TYR A 215 -4.61 4.05 -1.33
C TYR A 215 -4.10 2.84 -2.08
N SER A 216 -5.00 1.98 -2.50
CA SER A 216 -4.67 0.94 -3.45
C SER A 216 -5.81 0.77 -4.40
N ILE A 217 -5.52 0.36 -5.61
CA ILE A 217 -6.46 0.08 -6.67
C ILE A 217 -6.08 -1.27 -7.22
N ASN A 218 -7.07 -2.21 -7.25
N ASN A 218 -7.09 -2.11 -7.37
CA ASN A 218 -6.93 -3.60 -7.72
CA ASN A 218 -7.00 -3.50 -7.73
C ASN A 218 -7.90 -3.84 -8.88
C ASN A 218 -7.92 -3.82 -8.90
N TYR A 219 -7.37 -4.41 -9.95
CA TYR A 219 -8.18 -4.80 -11.11
C TYR A 219 -8.14 -6.31 -11.24
N LEU A 220 -9.30 -6.95 -11.42
CA LEU A 220 -9.34 -8.38 -11.67
C LEU A 220 -9.44 -8.54 -13.18
N HIS A 221 -8.35 -9.00 -13.84
CA HIS A 221 -8.30 -9.14 -15.30
C HIS A 221 -9.25 -10.24 -15.81
N TRP A 222 -9.24 -11.41 -15.14
CA TRP A 222 -10.04 -12.57 -15.51
C TRP A 222 -10.15 -13.59 -14.38
N GLY A 223 -11.07 -14.53 -14.57
CA GLY A 223 -11.29 -15.68 -13.69
C GLY A 223 -12.39 -15.50 -12.69
N GLU A 224 -12.38 -16.38 -11.68
CA GLU A 224 -13.41 -16.41 -10.65
C GLU A 224 -13.29 -15.21 -9.70
N PRO A 225 -14.40 -14.83 -9.02
CA PRO A 225 -14.34 -13.61 -8.20
C PRO A 225 -13.38 -13.63 -7.00
N LYS A 226 -13.05 -12.42 -6.54
CA LYS A 226 -12.23 -12.19 -5.37
C LYS A 226 -13.15 -11.60 -4.30
N THR A 227 -13.26 -12.24 -3.15
CA THR A 227 -14.11 -11.73 -2.05
C THR A 227 -13.28 -10.82 -1.17
N TRP A 228 -13.81 -9.63 -0.86
CA TRP A 228 -13.16 -8.63 -0.04
C TRP A 228 -13.95 -8.30 1.22
N TYR A 229 -13.22 -7.94 2.30
CA TYR A 229 -13.75 -7.39 3.54
C TYR A 229 -12.94 -6.12 3.79
N GLY A 230 -13.63 -5.03 4.12
CA GLY A 230 -13.03 -3.73 4.34
C GLY A 230 -13.57 -3.04 5.57
N VAL A 231 -12.70 -2.25 6.19
CA VAL A 231 -12.99 -1.50 7.42
C VAL A 231 -12.61 -0.03 7.15
N PRO A 232 -13.49 0.95 7.42
CA PRO A 232 -13.11 2.36 7.18
C PRO A 232 -11.88 2.80 8.00
N GLY A 233 -11.14 3.77 7.47
CA GLY A 233 -9.94 4.32 8.12
C GLY A 233 -10.18 4.80 9.54
N TYR A 234 -11.37 5.37 9.83
CA TYR A 234 -11.71 5.87 11.17
C TYR A 234 -11.76 4.77 12.24
N ALA A 235 -11.97 3.51 11.83
CA ALA A 235 -12.09 2.37 12.76
C ALA A 235 -10.79 1.56 12.87
N ALA A 236 -9.68 2.05 12.27
CA ALA A 236 -8.38 1.35 12.27
C ALA A 236 -7.85 0.96 13.66
N GLU A 237 -7.89 1.89 14.63
CA GLU A 237 -7.39 1.64 15.98
C GLU A 237 -8.34 0.73 16.75
N GLN A 238 -9.65 0.81 16.45
CA GLN A 238 -10.67 -0.06 17.04
C GLN A 238 -10.36 -1.51 16.60
N LEU A 239 -10.06 -1.73 15.28
CA LEU A 239 -9.72 -3.06 14.77
C LEU A 239 -8.44 -3.59 15.41
N GLU A 240 -7.41 -2.74 15.52
CA GLU A 240 -6.12 -3.12 16.11
C GLU A 240 -6.25 -3.56 17.57
N ASN A 241 -7.11 -2.88 18.34
CA ASN A 241 -7.41 -3.20 19.73
C ASN A 241 -8.07 -4.58 19.89
N VAL A 242 -8.96 -4.94 18.94
CA VAL A 242 -9.63 -6.24 18.91
C VAL A 242 -8.57 -7.32 18.62
N MET A 243 -7.70 -7.07 17.63
CA MET A 243 -6.64 -7.99 17.21
C MET A 243 -5.59 -8.21 18.31
N LYS A 244 -5.25 -7.16 19.09
CA LYS A 244 -4.29 -7.25 20.20
C LYS A 244 -4.78 -8.22 21.29
N LYS A 245 -6.08 -8.19 21.62
CA LYS A 245 -6.68 -9.06 22.63
C LYS A 245 -6.69 -10.54 22.19
N LEU A 246 -7.19 -10.80 20.98
CA LEU A 246 -7.35 -12.12 20.40
C LEU A 246 -6.06 -12.77 19.89
N ALA A 247 -5.13 -11.99 19.34
CA ALA A 247 -3.86 -12.49 18.81
C ALA A 247 -2.68 -11.58 19.23
N PRO A 248 -2.21 -11.68 20.51
CA PRO A 248 -1.13 -10.77 20.97
C PRO A 248 0.23 -10.98 20.32
N GLU A 249 0.52 -12.24 19.90
CA GLU A 249 1.77 -12.66 19.25
C GLU A 249 2.12 -11.84 17.98
N LEU A 250 1.09 -11.38 17.26
CA LEU A 250 1.19 -10.57 16.04
C LEU A 250 1.68 -9.15 16.26
N PHE A 251 1.54 -8.64 17.50
CA PHE A 251 1.85 -7.25 17.85
C PHE A 251 3.26 -7.02 18.44
N VAL A 252 4.08 -8.09 18.52
CA VAL A 252 5.48 -8.01 19.00
C VAL A 252 6.35 -7.22 18.00
N SER A 253 7.40 -6.52 18.50
CA SER A 253 8.33 -5.73 17.69
C SER A 253 9.08 -6.62 16.69
N GLN A 254 9.09 -6.22 15.40
CA GLN A 254 9.71 -7.02 14.34
C GLN A 254 11.06 -6.45 13.84
N PRO A 255 12.02 -7.35 13.48
CA PRO A 255 13.37 -6.89 13.08
C PRO A 255 13.46 -6.08 11.79
N ASP A 256 12.54 -6.29 10.83
CA ASP A 256 12.52 -5.60 9.54
C ASP A 256 11.08 -5.42 9.02
N LEU A 257 10.94 -4.71 7.87
CA LEU A 257 9.66 -4.48 7.19
C LEU A 257 9.22 -5.79 6.52
N LEU A 258 10.20 -6.62 6.11
CA LEU A 258 10.02 -7.96 5.52
C LEU A 258 9.34 -8.90 6.51
N HIS A 259 9.67 -8.76 7.81
CA HIS A 259 9.18 -9.57 8.92
C HIS A 259 7.82 -9.13 9.52
N GLN A 260 6.98 -8.40 8.76
CA GLN A 260 5.66 -7.96 9.22
C GLN A 260 4.69 -9.15 9.41
N LEU A 261 3.99 -9.22 10.57
CA LEU A 261 3.08 -10.30 10.90
C LEU A 261 1.60 -9.91 10.70
N VAL A 262 0.89 -10.72 9.92
CA VAL A 262 -0.52 -10.54 9.56
C VAL A 262 -1.35 -11.82 9.81
N THR A 263 -2.69 -11.69 9.91
CA THR A 263 -3.54 -12.85 10.15
C THR A 263 -4.93 -12.81 9.47
N ILE A 264 -5.55 -14.02 9.34
CA ILE A 264 -6.91 -14.24 8.88
C ILE A 264 -7.77 -14.05 10.17
N MET A 265 -8.84 -13.28 10.09
CA MET A 265 -9.77 -13.09 11.21
C MET A 265 -11.18 -12.91 10.67
N ASN A 266 -12.13 -13.69 11.21
CA ASN A 266 -13.51 -13.65 10.79
C ASN A 266 -14.09 -12.24 10.95
N PRO A 267 -14.66 -11.66 9.88
CA PRO A 267 -15.29 -10.33 10.04
C PRO A 267 -16.40 -10.31 11.10
N ASN A 268 -17.09 -11.46 11.38
CA ASN A 268 -18.12 -11.52 12.43
C ASN A 268 -17.53 -11.26 13.83
N THR A 269 -16.26 -11.63 14.05
CA THR A 269 -15.55 -11.36 15.31
C THR A 269 -15.38 -9.82 15.47
N LEU A 270 -15.02 -9.13 14.38
CA LEU A 270 -14.88 -7.67 14.39
C LEU A 270 -16.23 -6.99 14.58
N MET A 271 -17.24 -7.50 13.88
CA MET A 271 -18.61 -6.98 13.95
C MET A 271 -19.21 -7.09 15.37
N THR A 272 -18.90 -8.17 16.09
CA THR A 272 -19.30 -8.43 17.48
C THR A 272 -18.68 -7.37 18.39
N HIS A 273 -17.45 -6.92 18.07
CA HIS A 273 -16.73 -5.90 18.84
C HIS A 273 -16.98 -4.47 18.32
N GLU A 274 -18.12 -4.27 17.62
CA GLU A 274 -18.60 -2.98 17.10
C GLU A 274 -17.66 -2.33 16.06
N VAL A 275 -16.82 -3.13 15.37
CA VAL A 275 -15.97 -2.64 14.28
C VAL A 275 -16.80 -2.70 12.98
N PRO A 276 -17.05 -1.57 12.25
CA PRO A 276 -17.82 -1.68 11.00
C PRO A 276 -17.06 -2.44 9.91
N VAL A 277 -17.69 -3.45 9.30
CA VAL A 277 -17.08 -4.27 8.25
C VAL A 277 -18.01 -4.32 7.03
N TYR A 278 -17.43 -4.22 5.84
CA TYR A 278 -18.14 -4.28 4.56
C TYR A 278 -17.55 -5.34 3.68
N ARG A 279 -18.36 -5.93 2.81
CA ARG A 279 -17.89 -6.95 1.89
C ARG A 279 -18.20 -6.58 0.45
N THR A 280 -17.56 -7.32 -0.46
CA THR A 280 -17.84 -7.33 -1.88
C THR A 280 -17.25 -8.56 -2.54
N ASN A 281 -17.86 -8.97 -3.63
CA ASN A 281 -17.34 -9.99 -4.53
C ASN A 281 -16.93 -9.18 -5.76
N GLN A 282 -15.63 -9.07 -6.00
CA GLN A 282 -15.12 -8.37 -7.15
C GLN A 282 -15.06 -9.39 -8.30
N CYS A 283 -15.71 -9.06 -9.40
CA CYS A 283 -15.71 -9.94 -10.55
C CYS A 283 -14.76 -9.43 -11.61
N ALA A 284 -14.43 -10.28 -12.60
CA ALA A 284 -13.54 -9.96 -13.72
C ALA A 284 -14.00 -8.66 -14.42
N GLY A 285 -13.06 -7.74 -14.64
CA GLY A 285 -13.35 -6.44 -15.27
C GLY A 285 -13.76 -5.38 -14.26
N GLU A 286 -13.73 -5.68 -12.94
CA GLU A 286 -14.06 -4.66 -11.93
C GLU A 286 -12.83 -4.25 -11.15
N PHE A 287 -12.88 -3.03 -10.61
CA PHE A 287 -11.87 -2.45 -9.75
C PHE A 287 -12.38 -2.41 -8.33
N VAL A 288 -11.46 -2.60 -7.36
CA VAL A 288 -11.68 -2.38 -5.94
C VAL A 288 -10.68 -1.29 -5.54
N ILE A 289 -11.14 -0.26 -4.85
CA ILE A 289 -10.28 0.81 -4.37
C ILE A 289 -10.28 0.72 -2.85
N THR A 290 -9.10 0.80 -2.22
CA THR A 290 -9.00 0.85 -0.76
C THR A 290 -8.55 2.25 -0.39
N PHE A 291 -9.17 2.83 0.65
CA PHE A 291 -8.89 4.18 1.08
C PHE A 291 -7.79 4.25 2.17
N PRO A 292 -7.12 5.40 2.38
CA PRO A 292 -6.06 5.46 3.41
C PRO A 292 -6.43 4.93 4.80
N ARG A 293 -5.59 4.02 5.32
CA ARG A 293 -5.70 3.38 6.63
C ARG A 293 -6.94 2.45 6.77
N ALA A 294 -7.50 2.05 5.62
CA ALA A 294 -8.62 1.11 5.57
C ALA A 294 -8.13 -0.33 5.60
N TYR A 295 -8.42 -1.04 6.71
CA TYR A 295 -8.07 -2.47 6.81
C TYR A 295 -8.86 -3.30 5.80
N HIS A 296 -8.18 -4.22 5.14
CA HIS A 296 -8.82 -5.11 4.20
C HIS A 296 -8.19 -6.49 4.24
N SER A 297 -9.00 -7.50 3.90
CA SER A 297 -8.62 -8.89 3.77
C SER A 297 -9.60 -9.50 2.79
N GLY A 298 -9.35 -10.74 2.43
CA GLY A 298 -10.23 -11.46 1.55
C GLY A 298 -9.62 -12.74 1.04
N PHE A 299 -10.31 -13.37 0.10
CA PHE A 299 -9.85 -14.65 -0.45
C PHE A 299 -10.40 -14.79 -1.87
N ASN A 300 -9.79 -15.68 -2.66
CA ASN A 300 -10.24 -15.93 -4.01
C ASN A 300 -11.22 -17.08 -4.03
N GLN A 301 -12.24 -16.97 -4.91
CA GLN A 301 -13.28 -17.97 -5.13
C GLN A 301 -12.80 -19.13 -5.99
N GLY A 302 -11.76 -18.89 -6.78
CA GLY A 302 -11.18 -19.87 -7.70
C GLY A 302 -10.02 -19.27 -8.45
N PHE A 303 -9.58 -19.96 -9.54
CA PHE A 303 -8.49 -19.53 -10.40
C PHE A 303 -8.76 -18.13 -10.99
N ASN A 304 -7.83 -17.20 -10.75
CA ASN A 304 -8.01 -15.83 -11.24
C ASN A 304 -6.67 -15.10 -11.37
N PHE A 305 -6.72 -13.91 -11.95
CA PHE A 305 -5.55 -13.09 -12.19
C PHE A 305 -5.89 -11.64 -11.95
N ALA A 306 -5.17 -11.03 -10.99
CA ALA A 306 -5.37 -9.64 -10.57
C ALA A 306 -4.09 -8.84 -10.64
N GLU A 307 -4.24 -7.51 -10.73
CA GLU A 307 -3.16 -6.55 -10.81
C GLU A 307 -3.54 -5.41 -9.90
N ALA A 308 -2.59 -5.00 -9.05
CA ALA A 308 -2.83 -3.96 -8.07
C ALA A 308 -1.68 -2.98 -7.95
N VAL A 309 -1.99 -1.75 -7.52
CA VAL A 309 -0.95 -0.74 -7.32
C VAL A 309 -1.35 0.22 -6.21
N ASN A 310 -0.35 0.74 -5.50
CA ASN A 310 -0.54 1.77 -4.48
C ASN A 310 -0.52 3.11 -5.17
N PHE A 311 -1.23 4.08 -4.60
CA PHE A 311 -1.22 5.45 -5.10
C PHE A 311 -1.50 6.43 -3.98
N CYS A 312 -1.05 7.65 -4.16
CA CYS A 312 -1.17 8.74 -3.22
C CYS A 312 -1.68 9.99 -3.89
N THR A 313 -2.83 10.50 -3.43
CA THR A 313 -3.45 11.72 -3.94
C THR A 313 -3.05 12.90 -3.03
N VAL A 314 -3.41 14.14 -3.42
CA VAL A 314 -3.17 15.37 -2.63
C VAL A 314 -3.90 15.31 -1.28
N ASP A 315 -5.08 14.66 -1.27
CA ASP A 315 -5.92 14.43 -0.08
C ASP A 315 -5.15 13.62 0.98
N TRP A 316 -4.31 12.64 0.53
CA TRP A 316 -3.52 11.74 1.36
C TRP A 316 -2.35 12.41 2.12
N LEU A 317 -1.71 13.48 1.54
CA LEU A 317 -0.51 14.15 2.10
C LEU A 317 -0.52 14.36 3.64
N PRO A 318 -1.59 14.96 4.26
CA PRO A 318 -1.60 15.09 5.74
C PRO A 318 -1.61 13.73 6.46
N LEU A 319 -2.31 12.72 5.90
CA LEU A 319 -2.37 11.36 6.47
C LEU A 319 -1.02 10.68 6.35
N GLY A 320 -0.30 10.96 5.27
CA GLY A 320 1.05 10.46 5.04
C GLY A 320 2.00 10.94 6.11
N ARG A 321 1.88 12.24 6.50
CA ARG A 321 2.68 12.84 7.60
C ARG A 321 2.29 12.20 8.96
N GLN A 322 0.97 12.03 9.22
N GLN A 322 0.97 12.02 9.23
CA GLN A 322 0.44 11.42 10.43
CA GLN A 322 0.45 11.41 10.45
C GLN A 322 0.91 9.95 10.55
C GLN A 322 0.94 9.95 10.56
N CYS A 323 1.02 9.24 9.40
CA CYS A 323 1.49 7.86 9.32
C CYS A 323 2.93 7.73 9.78
N VAL A 324 3.81 8.58 9.27
CA VAL A 324 5.24 8.55 9.60
C VAL A 324 5.45 8.82 11.10
N GLU A 325 4.64 9.72 11.67
CA GLU A 325 4.62 10.03 13.11
C GLU A 325 4.15 8.77 13.88
N HIS A 326 3.17 8.03 13.33
CA HIS A 326 2.66 6.79 13.92
C HIS A 326 3.70 5.67 13.83
N TYR A 327 4.47 5.59 12.71
CA TYR A 327 5.54 4.60 12.56
C TYR A 327 6.65 4.82 13.63
N ARG A 328 6.97 6.10 13.90
CA ARG A 328 7.98 6.49 14.90
C ARG A 328 7.57 6.01 16.29
N LEU A 329 6.31 6.26 16.69
CA LEU A 329 5.77 5.80 17.98
C LEU A 329 5.82 4.28 18.14
N LEU A 330 5.75 3.55 17.03
CA LEU A 330 5.76 2.10 16.98
C LEU A 330 7.12 1.48 16.66
N HIS A 331 8.15 2.31 16.30
CA HIS A 331 9.48 1.86 15.89
C HIS A 331 9.40 1.01 14.59
N ARG A 332 8.50 1.39 13.70
CA ARG A 332 8.30 0.70 12.43
C ARG A 332 9.12 1.37 11.32
N TYR A 333 9.75 0.57 10.46
CA TYR A 333 10.52 1.08 9.33
C TYR A 333 9.60 1.77 8.30
N CYS A 334 10.13 2.80 7.64
CA CYS A 334 9.45 3.57 6.60
C CYS A 334 9.86 2.96 5.28
N VAL A 335 9.05 3.15 4.25
CA VAL A 335 9.41 2.69 2.90
C VAL A 335 10.24 3.83 2.25
N PHE A 336 9.86 5.07 2.53
CA PHE A 336 10.51 6.28 2.02
C PHE A 336 10.39 7.35 3.07
N SER A 337 11.13 8.45 2.88
CA SER A 337 11.05 9.62 3.73
C SER A 337 9.97 10.52 3.13
N HIS A 338 8.96 10.85 3.93
CA HIS A 338 7.87 11.74 3.56
C HIS A 338 8.42 13.17 3.34
N ASP A 339 9.35 13.63 4.19
CA ASP A 339 9.95 14.97 4.06
C ASP A 339 10.79 15.11 2.81
N GLU A 340 11.54 14.07 2.48
CA GLU A 340 12.32 14.02 1.25
C GLU A 340 11.40 14.15 0.02
N MET A 341 10.24 13.49 0.02
CA MET A 341 9.28 13.56 -1.09
C MET A 341 8.74 15.01 -1.25
N ILE A 342 8.36 15.65 -0.11
CA ILE A 342 7.87 17.03 -0.06
C ILE A 342 8.91 18.00 -0.63
N CYS A 343 10.18 17.88 -0.18
CA CYS A 343 11.28 18.74 -0.63
C CYS A 343 11.62 18.53 -2.11
N LYS A 344 11.51 17.29 -2.59
CA LYS A 344 11.73 16.96 -3.99
C LYS A 344 10.65 17.68 -4.85
N MET A 345 9.38 17.65 -4.40
CA MET A 345 8.28 18.32 -5.09
C MET A 345 8.49 19.84 -5.07
N ALA A 346 8.93 20.39 -3.91
CA ALA A 346 9.22 21.82 -3.78
C ALA A 346 10.31 22.26 -4.77
N SER A 347 11.36 21.42 -4.96
CA SER A 347 12.45 21.70 -5.91
C SER A 347 11.98 21.63 -7.38
N LYS A 348 10.79 21.06 -7.64
CA LYS A 348 10.21 20.97 -8.98
C LYS A 348 8.91 21.80 -9.06
N ALA A 349 8.75 22.83 -8.18
CA ALA A 349 7.53 23.65 -8.11
C ALA A 349 7.05 24.18 -9.47
N ASP A 350 7.99 24.65 -10.33
CA ASP A 350 7.70 25.18 -11.67
C ASP A 350 6.95 24.21 -12.60
N VAL A 351 7.12 22.88 -12.45
CA VAL A 351 6.47 21.88 -13.31
C VAL A 351 5.32 21.12 -12.62
N LEU A 352 4.97 21.46 -11.36
CA LEU A 352 3.89 20.75 -10.67
C LEU A 352 2.52 21.21 -11.07
N ASP A 353 1.52 20.33 -10.90
CA ASP A 353 0.11 20.68 -11.10
C ASP A 353 -0.20 21.73 -10.01
N VAL A 354 -0.99 22.74 -10.36
CA VAL A 354 -1.36 23.88 -9.52
C VAL A 354 -2.03 23.46 -8.19
N VAL A 355 -2.98 22.51 -8.24
CA VAL A 355 -3.67 21.98 -7.06
C VAL A 355 -2.67 21.20 -6.19
N VAL A 356 -1.75 20.45 -6.84
CA VAL A 356 -0.69 19.70 -6.18
C VAL A 356 0.26 20.67 -5.44
N ALA A 357 0.71 21.76 -6.12
CA ALA A 357 1.62 22.78 -5.53
C ALA A 357 1.00 23.40 -4.28
N SER A 358 -0.30 23.71 -4.35
CA SER A 358 -1.08 24.30 -3.25
C SER A 358 -1.11 23.40 -2.00
N THR A 359 -1.36 22.09 -2.19
CA THR A 359 -1.42 21.07 -1.14
C THR A 359 -0.04 20.78 -0.54
N VAL A 360 1.00 20.67 -1.39
CA VAL A 360 2.38 20.44 -0.95
C VAL A 360 2.82 21.61 -0.08
N GLN A 361 2.47 22.84 -0.51
CA GLN A 361 2.84 24.05 0.23
C GLN A 361 2.32 24.00 1.70
N LYS A 362 1.06 23.57 1.89
CA LYS A 362 0.42 23.43 3.19
C LYS A 362 1.12 22.39 4.09
N ASP A 363 1.56 21.25 3.53
CA ASP A 363 2.28 20.23 4.30
C ASP A 363 3.70 20.72 4.64
N MET A 364 4.34 21.41 3.68
CA MET A 364 5.66 22.00 3.85
C MET A 364 5.69 23.03 4.99
N ALA A 365 4.62 23.84 5.15
CA ALA A 365 4.49 24.83 6.23
C ALA A 365 4.47 24.14 7.59
N ILE A 366 3.77 22.97 7.71
CA ILE A 366 3.75 22.18 8.94
C ILE A 366 5.15 21.60 9.22
N MET A 367 5.76 20.99 8.19
CA MET A 367 7.09 20.42 8.27
C MET A 367 8.11 21.47 8.79
N ILE A 368 8.10 22.69 8.22
CA ILE A 368 9.03 23.76 8.59
C ILE A 368 8.83 24.20 10.05
N GLU A 369 7.58 24.42 10.47
CA GLU A 369 7.29 24.82 11.84
C GLU A 369 7.64 23.73 12.86
N ASP A 370 7.43 22.45 12.52
CA ASP A 370 7.81 21.34 13.40
C ASP A 370 9.33 21.22 13.51
N GLU A 371 10.04 21.40 12.37
CA GLU A 371 11.50 21.34 12.27
C GLU A 371 12.16 22.46 13.06
N LYS A 372 11.62 23.66 12.94
CA LYS A 372 12.06 24.85 13.67
C LYS A 372 11.99 24.55 15.20
N ALA A 373 10.86 24.00 15.67
CA ALA A 373 10.67 23.66 17.09
C ALA A 373 11.62 22.56 17.56
N LEU A 374 11.85 21.52 16.72
CA LEU A 374 12.76 20.41 17.06
C LEU A 374 14.21 20.90 17.18
N ARG A 375 14.67 21.76 16.26
CA ARG A 375 16.03 22.30 16.30
C ARG A 375 16.24 23.19 17.52
N GLU A 376 15.24 23.98 17.90
CA GLU A 376 15.33 24.84 19.08
C GLU A 376 15.49 24.00 20.37
N THR A 377 14.75 22.89 20.47
CA THR A 377 14.80 21.94 21.58
C THR A 377 16.20 21.27 21.66
N VAL A 378 16.75 20.80 20.53
CA VAL A 378 18.07 20.13 20.56
C VAL A 378 19.18 21.14 20.88
N ARG A 379 19.03 22.41 20.44
CA ARG A 379 19.98 23.47 20.81
C ARG A 379 19.95 23.73 22.34
N LYS A 380 18.77 23.66 22.96
CA LYS A 380 18.62 23.84 24.40
C LYS A 380 19.17 22.64 25.21
N LEU A 381 19.37 21.49 24.54
CA LEU A 381 19.97 20.30 25.16
C LEU A 381 21.51 20.36 25.15
N GLY A 382 22.06 21.35 24.41
CA GLY A 382 23.49 21.59 24.36
C GLY A 382 24.19 21.13 23.10
N VAL A 383 23.43 20.74 22.07
CA VAL A 383 24.01 20.38 20.77
C VAL A 383 24.29 21.73 20.08
N ILE A 384 25.57 22.02 19.83
CA ILE A 384 25.96 23.31 19.26
C ILE A 384 26.52 23.18 17.85
N ASP A 385 27.45 22.23 17.64
CA ASP A 385 28.04 22.01 16.32
C ASP A 385 26.99 21.50 15.32
N SER A 386 27.15 21.90 14.05
CA SER A 386 26.22 21.48 13.02
C SER A 386 26.97 21.39 11.70
N GLU A 387 26.45 20.60 10.76
CA GLU A 387 27.04 20.48 9.44
C GLU A 387 25.95 20.01 8.49
N ARG A 388 25.90 20.58 7.30
CA ARG A 388 24.92 20.18 6.30
C ARG A 388 25.23 18.78 5.80
N MET A 389 24.20 17.98 5.60
CA MET A 389 24.38 16.63 5.10
C MET A 389 23.33 16.29 4.06
N ASP A 390 23.74 15.71 2.94
CA ASP A 390 22.83 15.30 1.88
C ASP A 390 22.30 13.90 2.18
N PHE A 391 21.31 13.83 3.04
CA PHE A 391 20.69 12.56 3.50
C PHE A 391 20.16 11.70 2.36
N GLU A 392 19.67 12.33 1.24
CA GLU A 392 19.15 11.56 0.10
C GLU A 392 20.22 10.66 -0.56
N LEU A 393 21.51 10.95 -0.34
CA LEU A 393 22.60 10.13 -0.91
C LEU A 393 22.90 8.87 -0.10
N LEU A 394 22.47 8.85 1.12
CA LEU A 394 22.73 7.66 1.94
C LEU A 394 21.74 6.57 1.63
N PRO A 395 22.18 5.29 1.52
CA PRO A 395 21.18 4.19 1.44
C PRO A 395 20.30 4.26 2.70
N ASP A 396 19.05 3.81 2.59
CA ASP A 396 18.07 3.86 3.69
C ASP A 396 18.57 3.26 5.00
N ASP A 397 19.14 2.05 4.94
CA ASP A 397 19.72 1.33 6.08
C ASP A 397 20.82 2.12 6.76
N GLU A 398 21.33 3.20 6.10
CA GLU A 398 22.37 4.04 6.67
C GLU A 398 21.82 5.36 7.25
N ARG A 399 20.48 5.54 7.25
CA ARG A 399 19.95 6.79 7.79
C ARG A 399 18.67 6.60 8.63
N GLN A 400 18.56 5.45 9.28
CA GLN A 400 17.46 5.17 10.20
C GLN A 400 17.85 5.54 11.62
N CYS A 401 16.92 6.15 12.38
CA CYS A 401 17.11 6.51 13.79
C CYS A 401 17.36 5.17 14.53
N VAL A 402 18.42 5.09 15.34
CA VAL A 402 18.81 3.93 16.15
C VAL A 402 17.62 3.47 17.03
N LYS A 403 16.89 4.44 17.59
CA LYS A 403 15.75 4.20 18.46
C LYS A 403 14.44 3.87 17.75
N CYS A 404 13.89 4.81 16.95
CA CYS A 404 12.55 4.67 16.37
C CYS A 404 12.51 4.14 14.94
N LYS A 405 13.71 3.99 14.31
CA LYS A 405 13.89 3.46 12.94
C LYS A 405 13.38 4.39 11.85
N THR A 406 13.00 5.64 12.19
CA THR A 406 12.53 6.59 11.18
C THR A 406 13.63 6.89 10.16
N THR A 407 13.27 7.03 8.87
CA THR A 407 14.23 7.38 7.81
C THR A 407 14.50 8.87 7.96
N CYS A 408 15.72 9.25 8.31
CA CYS A 408 16.07 10.66 8.48
C CYS A 408 16.29 11.42 7.17
N PHE A 409 15.81 12.65 7.10
CA PHE A 409 16.04 13.53 5.96
C PHE A 409 16.34 14.97 6.35
N MET A 410 15.40 15.60 7.05
CA MET A 410 15.54 16.98 7.46
C MET A 410 16.70 17.20 8.41
N SER A 411 16.86 16.31 9.37
CA SER A 411 17.96 16.39 10.33
C SER A 411 18.15 15.13 11.16
N ALA A 412 19.32 15.05 11.80
CA ALA A 412 19.72 13.93 12.65
C ALA A 412 20.88 14.36 13.53
N ILE A 413 21.18 13.56 14.55
CA ILE A 413 22.28 13.81 15.47
C ILE A 413 23.31 12.71 15.33
N SER A 414 24.60 13.08 15.25
CA SER A 414 25.66 12.10 15.17
C SER A 414 26.66 12.41 16.27
N CYS A 415 27.46 11.41 16.65
CA CYS A 415 28.59 11.56 17.57
C CYS A 415 29.76 10.81 16.92
N SER A 416 30.96 11.37 17.03
CA SER A 416 32.15 10.73 16.47
C SER A 416 32.49 9.37 17.16
N CYS A 417 31.96 9.13 18.39
CA CYS A 417 32.17 7.86 19.12
C CYS A 417 31.41 6.69 18.50
N LYS A 418 30.32 6.95 17.74
CA LYS A 418 29.53 5.90 17.07
C LYS A 418 29.46 6.18 15.56
N PRO A 419 30.58 5.93 14.83
CA PRO A 419 30.60 6.25 13.39
C PRO A 419 29.48 5.61 12.59
N GLY A 420 28.80 6.44 11.79
CA GLY A 420 27.68 6.01 10.96
C GLY A 420 26.32 5.96 11.65
N LEU A 421 26.28 5.93 12.99
CA LEU A 421 24.98 5.87 13.68
C LEU A 421 24.30 7.23 13.76
N LEU A 422 22.98 7.24 13.63
CA LEU A 422 22.19 8.47 13.69
C LEU A 422 20.98 8.29 14.59
N VAL A 423 20.53 9.40 15.19
CA VAL A 423 19.26 9.45 15.90
C VAL A 423 18.48 10.62 15.28
N CYS A 424 17.14 10.53 15.22
CA CYS A 424 16.31 11.65 14.78
C CYS A 424 16.26 12.66 15.97
N LEU A 425 15.71 13.86 15.77
CA LEU A 425 15.71 14.90 16.80
C LEU A 425 14.77 14.61 17.97
N HIS A 426 13.90 13.59 17.88
CA HIS A 426 13.08 13.18 19.02
C HIS A 426 13.90 12.28 19.96
N HIS A 427 14.98 11.67 19.45
CA HIS A 427 15.76 10.70 20.21
C HIS A 427 17.23 11.06 20.46
N VAL A 428 17.51 12.35 20.67
CA VAL A 428 18.83 12.91 20.98
C VAL A 428 19.52 12.18 22.17
N LYS A 429 18.75 11.79 23.20
CA LYS A 429 19.25 11.10 24.40
C LYS A 429 19.51 9.58 24.22
N GLU A 430 19.27 9.02 23.02
CA GLU A 430 19.40 7.58 22.75
C GLU A 430 20.62 7.18 21.91
N LEU A 431 21.50 8.14 21.58
CA LEU A 431 22.65 7.83 20.75
C LEU A 431 23.80 7.15 21.51
N CYS A 432 24.32 7.82 22.56
CA CYS A 432 25.46 7.37 23.35
C CYS A 432 25.49 8.13 24.66
N SER A 433 26.50 7.86 25.51
CA SER A 433 26.64 8.48 26.82
C SER A 433 27.47 9.78 26.81
N CYS A 434 28.02 10.21 25.65
CA CYS A 434 28.79 11.47 25.56
C CYS A 434 27.91 12.67 25.93
N PRO A 435 28.46 13.77 26.50
CA PRO A 435 27.62 14.96 26.71
C PRO A 435 27.20 15.53 25.34
N PRO A 436 26.01 16.15 25.23
CA PRO A 436 25.55 16.67 23.90
C PRO A 436 26.44 17.70 23.20
N TYR A 437 27.45 18.32 23.87
CA TYR A 437 28.37 19.24 23.17
C TYR A 437 29.32 18.48 22.21
N LYS A 438 29.42 17.15 22.35
CA LYS A 438 30.24 16.30 21.48
C LYS A 438 29.49 15.95 20.18
N TYR A 439 28.17 16.21 20.16
CA TYR A 439 27.30 15.88 19.03
C TYR A 439 27.34 16.88 17.91
N LYS A 440 26.89 16.45 16.74
CA LYS A 440 26.77 17.35 15.61
C LYS A 440 25.34 17.26 15.12
N LEU A 441 24.75 18.40 14.82
CA LEU A 441 23.45 18.41 14.20
C LEU A 441 23.70 18.32 12.67
N ARG A 442 23.18 17.26 12.05
N ARG A 442 23.23 17.24 12.02
CA ARG A 442 23.30 17.03 10.60
CA ARG A 442 23.36 17.10 10.57
C ARG A 442 21.99 17.52 9.99
C ARG A 442 22.04 17.50 9.98
N TYR A 443 22.04 18.46 9.05
CA TYR A 443 20.80 19.01 8.48
C TYR A 443 20.83 19.06 6.98
N ARG A 444 19.68 18.84 6.33
CA ARG A 444 19.65 18.93 4.88
C ARG A 444 19.63 20.42 4.44
N TYR A 445 18.79 21.21 5.10
CA TYR A 445 18.57 22.62 4.76
C TYR A 445 18.55 23.47 5.99
N THR A 446 18.99 24.72 5.86
CA THR A 446 18.81 25.71 6.92
C THR A 446 17.34 26.20 6.73
N LEU A 447 16.76 26.85 7.75
CA LEU A 447 15.43 27.46 7.67
C LEU A 447 15.38 28.50 6.55
N ASP A 448 16.50 29.20 6.30
CA ASP A 448 16.65 30.16 5.22
C ASP A 448 16.57 29.53 3.84
N ASP A 449 16.97 28.25 3.67
CA ASP A 449 16.86 27.58 2.37
C ASP A 449 15.39 27.16 2.17
N LEU A 450 14.70 26.80 3.26
CA LEU A 450 13.35 26.25 3.21
C LEU A 450 12.24 27.25 2.81
N TYR A 451 12.27 28.48 3.36
CA TYR A 451 11.24 29.51 3.07
C TYR A 451 11.17 29.87 1.54
N PRO A 452 12.29 30.06 0.78
CA PRO A 452 12.17 30.27 -0.67
C PRO A 452 11.60 29.06 -1.44
N MET A 453 11.84 27.81 -0.97
CA MET A 453 11.31 26.58 -1.59
C MET A 453 9.77 26.57 -1.44
N MET A 454 9.31 26.95 -0.24
CA MET A 454 7.88 27.04 0.02
C MET A 454 7.24 28.20 -0.77
N ASN A 455 7.96 29.34 -0.94
CA ASN A 455 7.50 30.45 -1.77
C ASN A 455 7.34 30.11 -3.25
N ALA A 456 8.22 29.24 -3.78
CA ALA A 456 8.15 28.76 -5.18
C ALA A 456 6.82 28.05 -5.41
N LEU A 457 6.41 27.20 -4.43
CA LEU A 457 5.13 26.48 -4.44
C LEU A 457 3.97 27.45 -4.40
N LYS A 458 4.06 28.49 -3.57
CA LYS A 458 3.03 29.54 -3.45
C LYS A 458 2.82 30.25 -4.80
N LEU A 459 3.92 30.65 -5.46
CA LEU A 459 3.87 31.30 -6.78
C LEU A 459 3.22 30.37 -7.80
N ARG A 460 3.65 29.10 -7.86
CA ARG A 460 3.08 28.11 -8.76
C ARG A 460 1.58 27.90 -8.47
N ALA A 461 1.19 27.81 -7.19
CA ALA A 461 -0.21 27.61 -6.79
C ALA A 461 -1.08 28.82 -7.09
N GLU A 462 -0.53 30.04 -6.98
CA GLU A 462 -1.27 31.28 -7.23
C GLU A 462 -1.35 31.68 -8.72
N SER A 463 -0.67 30.92 -9.62
CA SER A 463 -0.69 31.20 -11.06
C SER A 463 -2.00 30.68 -11.72
N TYR A 464 -2.93 31.61 -12.01
CA TYR A 464 -4.24 31.32 -12.62
#